data_6UNX
#
_entry.id   6UNX
#
_cell.length_a   37.316
_cell.length_b   85.142
_cell.length_c   41.274
_cell.angle_alpha   90.000
_cell.angle_beta   107.030
_cell.angle_gamma   90.000
#
_symmetry.space_group_name_H-M   'P 1 21 1'
#
loop_
_entity.id
_entity.type
_entity.pdbx_description
1 polymer 'Cell division protein FtsZ'
2 non-polymer "GUANOSINE-5'-TRIPHOSPHATE"
3 water water
#
_entity_poly.entity_id   1
_entity_poly.type   'polypeptide(L)'
_entity_poly.pdbx_seq_one_letter_code
;MGSSHHHHHHSSGLVPRGSHMDAVIKVIGVGGGGGNAVEHMVRERIEGVEFFAVNTDAQALRKTAVGQTIQIGSGITKGL
GAGANPEVGRNAADEDRDALRAALEGADMVFIAAGMGGGTGTGAAPVVAEVAKDLGILTVAVVTKPFNFEGKKRMAFAEQ
GITELSKHVDSLITIPNDKLLKVLGRGISELDAFGAANDVLKGAVQGIAELITRPGLMNVDFADVRTVMSEMGYAMMGSG
VASGEDRAEEAAEMAISSPLLEDIDLSGARGVLVNITAGFDLRLDEFETVGNTIRAFASDNATVVIGTSLDPDMNDELRV
TVVATGIG
;
_entity_poly.pdbx_strand_id   A
#
loop_
_chem_comp.id
_chem_comp.type
_chem_comp.name
_chem_comp.formula
GTP non-polymer GUANOSINE-5'-TRIPHOSPHATE 'C10 H16 N5 O14 P3'
#
# COMPACT_ATOMS: atom_id res chain seq x y z
N MET A 21 -2.09 2.53 -24.28
CA MET A 21 -1.35 3.61 -23.66
C MET A 21 -1.69 3.73 -22.19
N ASP A 22 -2.65 2.90 -21.74
CA ASP A 22 -3.08 2.93 -20.35
C ASP A 22 -1.95 2.50 -19.42
N ALA A 23 -2.04 2.97 -18.18
CA ALA A 23 -1.06 2.63 -17.16
C ALA A 23 -1.19 1.17 -16.78
N VAL A 24 -0.04 0.55 -16.52
CA VAL A 24 0.02 -0.83 -16.06
C VAL A 24 0.48 -0.82 -14.61
N ILE A 25 -0.44 -1.17 -13.72
CA ILE A 25 -0.19 -1.09 -12.27
C ILE A 25 -0.47 -2.45 -11.69
N LYS A 26 0.54 -3.04 -11.07
CA LYS A 26 0.43 -4.39 -10.53
C LYS A 26 0.50 -4.35 -9.01
N VAL A 27 -0.37 -5.09 -8.36
CA VAL A 27 -0.47 -5.15 -6.91
C VAL A 27 -0.18 -6.58 -6.49
N ILE A 28 0.87 -6.79 -5.71
CA ILE A 28 1.41 -8.11 -5.40
C ILE A 28 1.24 -8.38 -3.91
N GLY A 29 0.43 -9.38 -3.58
CA GLY A 29 0.32 -9.85 -2.21
C GLY A 29 1.30 -10.97 -1.98
N VAL A 30 2.20 -10.83 -1.00
CA VAL A 30 3.27 -11.81 -0.79
C VAL A 30 3.01 -12.54 0.53
N GLY A 31 2.94 -13.86 0.47
CA GLY A 31 2.70 -14.67 1.67
C GLY A 31 1.23 -14.65 2.06
N GLY A 32 0.92 -15.27 3.20
CA GLY A 32 -0.47 -15.40 3.62
C GLY A 32 -1.10 -14.08 4.00
N GLY A 33 -0.41 -13.27 4.80
CA GLY A 33 -1.00 -12.01 5.21
C GLY A 33 -1.21 -11.07 4.03
N GLY A 34 -0.18 -10.95 3.19
CA GLY A 34 -0.27 -10.10 2.02
C GLY A 34 -1.31 -10.61 1.04
N GLY A 35 -1.41 -11.93 0.87
CA GLY A 35 -2.44 -12.50 0.02
C GLY A 35 -3.82 -12.18 0.55
N ASN A 36 -3.99 -12.25 1.88
CA ASN A 36 -5.27 -11.91 2.49
C ASN A 36 -5.63 -10.44 2.26
N ALA A 37 -4.67 -9.55 2.38
CA ALA A 37 -4.92 -8.13 2.12
C ALA A 37 -5.29 -7.91 0.66
N VAL A 38 -4.60 -8.56 -0.27
CA VAL A 38 -4.91 -8.37 -1.69
C VAL A 38 -6.26 -8.99 -2.04
N GLU A 39 -6.65 -10.11 -1.40
CA GLU A 39 -7.98 -10.67 -1.61
C GLU A 39 -9.06 -9.67 -1.19
N HIS A 40 -8.83 -8.92 -0.10
CA HIS A 40 -9.75 -7.86 0.29
C HIS A 40 -9.81 -6.79 -0.79
N MET A 41 -8.66 -6.39 -1.34
CA MET A 41 -8.64 -5.42 -2.44
C MET A 41 -9.44 -5.92 -3.65
N VAL A 42 -9.33 -7.20 -3.99
CA VAL A 42 -10.11 -7.76 -5.09
C VAL A 42 -11.61 -7.67 -4.79
N ARG A 43 -12.02 -8.02 -3.57
CA ARG A 43 -13.43 -7.99 -3.21
C ARG A 43 -13.98 -6.58 -3.19
N GLU A 44 -13.22 -5.61 -2.70
CA GLU A 44 -13.69 -4.24 -2.53
C GLU A 44 -13.44 -3.35 -3.74
N ARG A 45 -12.59 -3.81 -4.66
CA ARG A 45 -12.25 -3.22 -5.96
C ARG A 45 -11.22 -2.11 -5.87
N ILE A 46 -10.22 -2.14 -6.75
CA ILE A 46 -9.38 -0.99 -7.04
C ILE A 46 -9.35 -0.86 -8.54
N GLU A 47 -9.71 0.30 -9.05
CA GLU A 47 -9.95 0.43 -10.48
C GLU A 47 -8.63 0.29 -11.25
N GLY A 48 -8.65 -0.59 -12.25
CA GLY A 48 -7.60 -0.55 -13.24
C GLY A 48 -6.26 -1.11 -12.84
N VAL A 49 -6.19 -1.85 -11.74
CA VAL A 49 -4.93 -2.53 -11.40
C VAL A 49 -5.07 -4.03 -11.62
N GLU A 50 -3.90 -4.69 -11.73
CA GLU A 50 -3.79 -6.15 -11.91
C GLU A 50 -3.25 -6.77 -10.62
N PHE A 51 -3.95 -7.76 -10.09
CA PHE A 51 -3.63 -8.35 -8.80
C PHE A 51 -2.91 -9.67 -8.97
N PHE A 52 -1.88 -9.87 -8.14
CA PHE A 52 -1.09 -11.10 -8.08
C PHE A 52 -0.94 -11.58 -6.65
N ALA A 53 -0.87 -12.89 -6.50
CA ALA A 53 -0.55 -13.50 -5.21
C ALA A 53 0.74 -14.32 -5.38
N VAL A 54 1.77 -13.97 -4.59
CA VAL A 54 3.03 -14.69 -4.58
C VAL A 54 3.13 -15.44 -3.27
N ASN A 55 3.34 -16.75 -3.33
CA ASN A 55 3.37 -17.50 -2.09
C ASN A 55 4.15 -18.80 -2.27
N THR A 56 4.70 -19.29 -1.16
CA THR A 56 5.27 -20.63 -1.10
C THR A 56 4.17 -21.66 -0.90
N ASP A 57 3.03 -21.23 -0.39
CA ASP A 57 1.96 -22.10 0.07
C ASP A 57 1.10 -22.45 -1.15
N ALA A 58 1.28 -23.65 -1.69
CA ALA A 58 0.54 -24.03 -2.90
C ALA A 58 -0.97 -24.09 -2.64
N GLN A 59 -1.36 -24.52 -1.44
CA GLN A 59 -2.79 -24.57 -1.10
C GLN A 59 -3.41 -23.18 -1.09
N ALA A 60 -2.71 -22.19 -0.50
CA ALA A 60 -3.23 -20.83 -0.54
C ALA A 60 -3.41 -20.36 -1.98
N LEU A 61 -2.48 -20.71 -2.86
CA LEU A 61 -2.57 -20.26 -4.25
C LEU A 61 -3.72 -20.93 -4.98
N ARG A 62 -4.03 -22.19 -4.64
CA ARG A 62 -5.21 -22.83 -5.24
C ARG A 62 -6.49 -22.15 -4.79
N LYS A 63 -6.55 -21.69 -3.54
CA LYS A 63 -7.81 -21.21 -2.98
C LYS A 63 -8.09 -19.77 -3.33
N THR A 64 -7.06 -18.96 -3.59
CA THR A 64 -7.25 -17.51 -3.64
C THR A 64 -8.12 -17.08 -4.82
N ALA A 65 -8.92 -16.04 -4.60
CA ALA A 65 -9.66 -15.43 -5.70
C ALA A 65 -8.80 -14.49 -6.54
N VAL A 66 -7.57 -14.21 -6.09
CA VAL A 66 -6.70 -13.37 -6.90
C VAL A 66 -6.41 -14.08 -8.21
N GLY A 67 -6.54 -13.34 -9.31
CA GLY A 67 -6.57 -13.96 -10.63
C GLY A 67 -5.25 -14.54 -11.09
N GLN A 68 -4.13 -13.96 -10.67
CA GLN A 68 -2.83 -14.43 -11.10
C GLN A 68 -2.05 -14.86 -9.87
N THR A 69 -1.46 -16.04 -9.94
CA THR A 69 -0.69 -16.59 -8.84
C THR A 69 0.72 -16.92 -9.30
N ILE A 70 1.67 -16.80 -8.38
CA ILE A 70 3.06 -17.14 -8.63
C ILE A 70 3.56 -17.99 -7.48
N GLN A 71 3.84 -19.25 -7.76
CA GLN A 71 4.43 -20.16 -6.80
C GLN A 71 5.92 -19.87 -6.71
N ILE A 72 6.41 -19.68 -5.49
CA ILE A 72 7.85 -19.54 -5.28
C ILE A 72 8.35 -20.71 -4.45
N GLY A 73 9.48 -21.26 -4.87
CA GLY A 73 9.97 -22.50 -4.30
C GLY A 73 9.17 -23.68 -4.80
N SER A 74 9.59 -24.86 -4.33
CA SER A 74 8.95 -26.10 -4.77
C SER A 74 7.53 -26.27 -4.23
N GLY A 75 7.16 -25.55 -3.18
CA GLY A 75 5.87 -25.80 -2.56
C GLY A 75 5.84 -27.04 -1.69
N ILE A 76 6.99 -27.66 -1.44
CA ILE A 76 7.10 -28.80 -0.54
C ILE A 76 7.94 -28.36 0.65
N THR A 77 7.37 -28.46 1.85
CA THR A 77 8.09 -28.06 3.04
C THR A 77 9.09 -29.14 3.44
N LYS A 78 10.31 -28.73 3.75
CA LYS A 78 11.35 -29.67 4.14
C LYS A 78 11.66 -29.56 5.62
N GLY A 79 10.63 -29.73 6.45
CA GLY A 79 10.79 -29.62 7.89
C GLY A 79 9.61 -28.96 8.54
N LEU A 80 9.15 -29.55 9.66
CA LEU A 80 8.02 -29.00 10.39
C LEU A 80 8.37 -27.64 10.97
N GLY A 81 7.54 -26.64 10.69
CA GLY A 81 7.79 -25.28 11.13
C GLY A 81 8.89 -24.54 10.38
N ALA A 82 9.50 -25.15 9.35
CA ALA A 82 10.57 -24.48 8.64
C ALA A 82 10.08 -23.24 7.91
N GLY A 83 8.80 -23.21 7.52
CA GLY A 83 8.26 -22.12 6.73
C GLY A 83 8.10 -20.81 7.48
N ALA A 84 8.39 -20.79 8.79
CA ALA A 84 8.28 -19.57 9.57
C ALA A 84 9.55 -18.72 9.53
N ASN A 85 10.65 -19.30 9.09
CA ASN A 85 11.90 -18.58 9.00
C ASN A 85 11.93 -17.77 7.72
N PRO A 86 12.15 -16.45 7.80
CA PRO A 86 12.29 -15.64 6.58
C PRO A 86 13.32 -16.14 5.59
N GLU A 87 14.32 -16.92 6.02
CA GLU A 87 15.28 -17.45 5.08
C GLU A 87 14.61 -18.35 4.06
N VAL A 88 13.57 -19.09 4.46
CA VAL A 88 12.88 -19.98 3.52
C VAL A 88 12.12 -19.16 2.47
N GLY A 89 11.42 -18.11 2.91
CA GLY A 89 10.76 -17.25 1.94
C GLY A 89 11.73 -16.58 1.00
N ARG A 90 12.87 -16.13 1.51
CA ARG A 90 13.88 -15.48 0.68
C ARG A 90 14.44 -16.47 -0.35
N ASN A 91 14.85 -17.66 0.11
CA ASN A 91 15.41 -18.66 -0.78
C ASN A 91 14.41 -19.08 -1.85
N ALA A 92 13.13 -19.21 -1.48
CA ALA A 92 12.09 -19.59 -2.45
C ALA A 92 11.94 -18.53 -3.52
N ALA A 93 11.86 -17.26 -3.12
CA ALA A 93 11.75 -16.20 -4.10
C ALA A 93 12.97 -16.15 -5.00
N ASP A 94 14.16 -16.32 -4.42
CA ASP A 94 15.37 -16.27 -5.23
C ASP A 94 15.38 -17.37 -6.28
N GLU A 95 14.93 -18.59 -5.90
CA GLU A 95 14.88 -19.69 -6.85
C GLU A 95 14.00 -19.38 -8.05
N ASP A 96 12.99 -18.52 -7.89
CA ASP A 96 11.99 -18.24 -8.91
C ASP A 96 12.02 -16.78 -9.33
N ARG A 97 13.19 -16.16 -9.25
CA ARG A 97 13.32 -14.76 -9.65
C ARG A 97 12.95 -14.55 -11.10
N ASP A 98 13.15 -15.55 -11.95
CA ASP A 98 12.74 -15.41 -13.34
C ASP A 98 11.22 -15.28 -13.47
N ALA A 99 10.45 -16.06 -12.72
CA ALA A 99 9.01 -15.92 -12.76
C ALA A 99 8.55 -14.58 -12.22
N LEU A 100 9.21 -14.08 -11.17
CA LEU A 100 8.89 -12.75 -10.67
C LEU A 100 9.19 -11.70 -11.73
N ARG A 101 10.36 -11.77 -12.35
CA ARG A 101 10.70 -10.77 -13.37
C ARG A 101 9.69 -10.78 -14.51
N ALA A 102 9.35 -11.97 -15.00
CA ALA A 102 8.44 -12.07 -16.15
C ALA A 102 7.07 -11.53 -15.81
N ALA A 103 6.63 -11.64 -14.56
CA ALA A 103 5.32 -11.14 -14.16
C ALA A 103 5.31 -9.64 -14.01
N LEU A 104 6.44 -9.07 -13.61
CA LEU A 104 6.52 -7.64 -13.33
C LEU A 104 6.89 -6.81 -14.54
N GLU A 105 7.59 -7.40 -15.52
CA GLU A 105 8.06 -6.65 -16.68
C GLU A 105 6.93 -5.90 -17.33
N GLY A 106 7.18 -4.64 -17.65
CA GLY A 106 6.22 -3.81 -18.32
C GLY A 106 5.32 -3.01 -17.42
N ALA A 107 5.41 -3.20 -16.11
CA ALA A 107 4.59 -2.39 -15.23
C ALA A 107 5.15 -0.98 -15.14
N ASP A 108 4.24 -0.01 -14.99
CA ASP A 108 4.60 1.36 -14.64
C ASP A 108 4.75 1.55 -13.14
N MET A 109 4.04 0.75 -12.36
CA MET A 109 4.13 0.86 -10.92
C MET A 109 3.78 -0.50 -10.34
N VAL A 110 4.46 -0.86 -9.25
CA VAL A 110 4.21 -2.09 -8.52
C VAL A 110 3.97 -1.72 -7.05
N PHE A 111 2.92 -2.27 -6.46
CA PHE A 111 2.67 -2.22 -5.03
C PHE A 111 2.94 -3.59 -4.46
N ILE A 112 3.60 -3.63 -3.31
CA ILE A 112 3.87 -4.90 -2.63
C ILE A 112 3.21 -4.85 -1.26
N ALA A 113 2.30 -5.78 -1.00
CA ALA A 113 1.59 -5.89 0.25
C ALA A 113 2.04 -7.16 0.98
N ALA A 114 2.37 -7.03 2.26
CA ALA A 114 2.84 -8.16 3.05
C ALA A 114 2.50 -7.92 4.52
N GLY A 115 2.21 -8.99 5.24
CA GLY A 115 2.25 -8.94 6.69
C GLY A 115 3.60 -9.43 7.16
N MET A 116 4.44 -8.51 7.64
CA MET A 116 5.78 -8.92 8.07
C MET A 116 5.72 -9.66 9.39
N GLY A 117 6.62 -10.60 9.53
CA GLY A 117 6.76 -11.42 10.73
C GLY A 117 6.68 -12.91 10.49
N GLY A 118 6.15 -13.36 9.35
CA GLY A 118 6.18 -14.77 8.99
C GLY A 118 7.41 -15.09 8.17
N GLY A 119 7.41 -16.29 7.59
CA GLY A 119 8.55 -16.70 6.75
C GLY A 119 8.47 -16.18 5.32
N THR A 120 7.27 -16.18 4.74
CA THR A 120 7.20 -15.89 3.31
C THR A 120 7.15 -14.39 3.02
N GLY A 121 6.17 -13.69 3.58
CA GLY A 121 6.13 -12.24 3.42
C GLY A 121 7.46 -11.60 3.79
N THR A 122 7.96 -11.90 4.99
CA THR A 122 9.16 -11.25 5.47
C THR A 122 10.33 -11.49 4.54
N GLY A 123 10.53 -12.73 4.13
CA GLY A 123 11.70 -13.06 3.32
C GLY A 123 11.55 -12.79 1.84
N ALA A 124 10.34 -12.99 1.30
CA ALA A 124 10.16 -12.89 -0.14
C ALA A 124 9.80 -11.48 -0.60
N ALA A 125 9.12 -10.68 0.23
CA ALA A 125 8.76 -9.33 -0.20
C ALA A 125 9.97 -8.51 -0.64
N PRO A 126 11.12 -8.54 0.05
CA PRO A 126 12.25 -7.75 -0.44
C PRO A 126 12.82 -8.28 -1.75
N VAL A 127 12.65 -9.57 -2.03
CA VAL A 127 13.10 -10.10 -3.33
C VAL A 127 12.19 -9.59 -4.45
N VAL A 128 10.87 -9.64 -4.24
CA VAL A 128 9.95 -9.08 -5.21
C VAL A 128 10.25 -7.63 -5.46
N ALA A 129 10.49 -6.87 -4.39
CA ALA A 129 10.75 -5.45 -4.54
C ALA A 129 12.01 -5.20 -5.35
N GLU A 130 13.09 -5.93 -5.03
CA GLU A 130 14.32 -5.73 -5.80
C GLU A 130 14.15 -6.11 -7.27
N VAL A 131 13.40 -7.18 -7.57
CA VAL A 131 13.14 -7.50 -8.98
C VAL A 131 12.50 -6.32 -9.68
N ALA A 132 11.48 -5.73 -9.04
CA ALA A 132 10.82 -4.56 -9.62
C ALA A 132 11.78 -3.39 -9.74
N LYS A 133 12.55 -3.12 -8.69
CA LYS A 133 13.46 -1.99 -8.72
C LYS A 133 14.47 -2.14 -9.86
N ASP A 134 15.03 -3.34 -10.00
CA ASP A 134 16.02 -3.62 -11.02
C ASP A 134 15.44 -3.51 -12.44
N LEU A 135 14.12 -3.69 -12.59
CA LEU A 135 13.43 -3.45 -13.86
C LEU A 135 13.15 -1.97 -14.10
N GLY A 136 13.44 -1.11 -13.13
CA GLY A 136 13.20 0.32 -13.24
C GLY A 136 11.80 0.77 -12.86
N ILE A 137 11.03 -0.09 -12.21
CA ILE A 137 9.62 0.16 -11.93
C ILE A 137 9.47 0.89 -10.61
N LEU A 138 8.64 1.92 -10.57
CA LEU A 138 8.31 2.62 -9.34
C LEU A 138 7.65 1.64 -8.38
N THR A 139 8.27 1.41 -7.22
CA THR A 139 7.89 0.32 -6.33
C THR A 139 7.53 0.87 -4.96
N VAL A 140 6.31 0.60 -4.51
CA VAL A 140 5.78 1.08 -3.24
C VAL A 140 5.38 -0.14 -2.44
N ALA A 141 5.86 -0.25 -1.20
CA ALA A 141 5.45 -1.34 -0.33
C ALA A 141 4.54 -0.81 0.77
N VAL A 142 3.52 -1.58 1.09
CA VAL A 142 2.60 -1.26 2.15
C VAL A 142 2.50 -2.54 2.98
N VAL A 143 3.08 -2.51 4.17
CA VAL A 143 3.25 -3.74 4.94
C VAL A 143 2.80 -3.48 6.38
N THR A 144 2.49 -4.56 7.07
CA THR A 144 2.19 -4.49 8.49
C THR A 144 3.30 -5.11 9.35
N LYS A 145 3.32 -4.66 10.63
CA LYS A 145 4.06 -5.34 11.68
C LYS A 145 3.08 -6.10 12.56
N PRO A 146 3.54 -7.18 13.17
CA PRO A 146 2.64 -8.05 13.92
C PRO A 146 2.17 -7.39 15.19
N PHE A 147 1.04 -7.88 15.72
CA PHE A 147 0.62 -7.43 17.05
C PHE A 147 1.66 -7.87 18.06
N ASN A 148 1.77 -7.06 19.12
CA ASN A 148 2.65 -7.43 20.22
C ASN A 148 2.36 -8.84 20.74
N PHE A 149 1.09 -9.23 20.80
CA PHE A 149 0.73 -10.54 21.34
C PHE A 149 1.30 -11.69 20.52
N GLU A 150 1.73 -11.44 19.28
CA GLU A 150 2.34 -12.49 18.47
C GLU A 150 3.74 -12.84 18.93
N GLY A 151 4.32 -12.08 19.84
CA GLY A 151 5.59 -12.51 20.41
C GLY A 151 6.77 -11.74 19.85
N LYS A 152 7.86 -11.76 20.61
CA LYS A 152 9.02 -10.98 20.22
C LYS A 152 9.71 -11.55 18.99
N LYS A 153 9.68 -12.88 18.81
CA LYS A 153 10.42 -13.47 17.70
C LYS A 153 9.84 -13.01 16.36
N ARG A 154 8.52 -13.04 16.23
CA ARG A 154 7.88 -12.54 15.01
C ARG A 154 8.15 -11.06 14.82
N MET A 155 8.14 -10.26 15.92
CA MET A 155 8.46 -8.85 15.79
C MET A 155 9.90 -8.62 15.32
N ALA A 156 10.85 -9.41 15.84
CA ALA A 156 12.22 -9.32 15.37
C ALA A 156 12.33 -9.71 13.90
N PHE A 157 11.72 -10.83 13.50
CA PHE A 157 11.68 -11.16 12.06
C PHE A 157 11.09 -10.02 11.24
N ALA A 158 9.98 -9.44 11.73
CA ALA A 158 9.33 -8.38 10.96
C ALA A 158 10.23 -7.18 10.79
N GLU A 159 10.92 -6.75 11.88
CA GLU A 159 11.75 -5.57 11.78
C GLU A 159 12.97 -5.80 10.91
N GLN A 160 13.58 -6.99 11.02
CA GLN A 160 14.70 -7.32 10.15
C GLN A 160 14.26 -7.33 8.69
N GLY A 161 13.08 -7.86 8.39
CA GLY A 161 12.60 -7.83 7.02
C GLY A 161 12.27 -6.46 6.51
N ILE A 162 11.75 -5.59 7.39
CA ILE A 162 11.51 -4.21 6.99
C ILE A 162 12.82 -3.48 6.68
N THR A 163 13.88 -3.71 7.49
CA THR A 163 15.21 -3.22 7.12
C THR A 163 15.62 -3.64 5.71
N GLU A 164 15.44 -4.92 5.40
CA GLU A 164 15.79 -5.41 4.06
C GLU A 164 14.87 -4.84 2.99
N LEU A 165 13.56 -4.79 3.25
CA LEU A 165 12.62 -4.23 2.28
C LEU A 165 12.93 -2.77 1.97
N SER A 166 13.32 -2.00 3.00
CA SER A 166 13.61 -0.58 2.81
C SER A 166 14.76 -0.33 1.84
N LYS A 167 15.64 -1.30 1.64
CA LYS A 167 16.73 -1.14 0.68
C LYS A 167 16.29 -1.26 -0.78
N HIS A 168 15.09 -1.76 -1.04
CA HIS A 168 14.68 -2.17 -2.37
C HIS A 168 13.36 -1.55 -2.82
N VAL A 169 12.85 -0.57 -2.11
CA VAL A 169 11.60 0.05 -2.51
C VAL A 169 11.81 1.55 -2.68
N ASP A 170 10.91 2.17 -3.44
CA ASP A 170 10.97 3.64 -3.54
C ASP A 170 10.31 4.32 -2.36
N SER A 171 9.15 3.83 -1.92
CA SER A 171 8.49 4.34 -0.72
C SER A 171 8.00 3.14 0.06
N LEU A 172 8.08 3.23 1.38
CA LEU A 172 7.64 2.17 2.27
C LEU A 172 6.66 2.73 3.29
N ILE A 173 5.45 2.16 3.35
CA ILE A 173 4.46 2.49 4.36
C ILE A 173 4.38 1.28 5.29
N THR A 174 4.74 1.47 6.57
CA THR A 174 4.74 0.41 7.58
C THR A 174 3.62 0.69 8.58
N ILE A 175 2.68 -0.23 8.68
CA ILE A 175 1.47 -0.13 9.49
C ILE A 175 1.63 -1.08 10.68
N PRO A 176 1.88 -0.59 11.89
CA PRO A 176 1.90 -1.50 13.05
C PRO A 176 0.48 -1.92 13.43
N ASN A 177 0.24 -3.23 13.48
CA ASN A 177 -1.08 -3.70 13.85
C ASN A 177 -1.47 -3.20 15.24
N ASP A 178 -0.50 -3.01 16.12
CA ASP A 178 -0.80 -2.47 17.44
C ASP A 178 -1.39 -1.07 17.38
N LYS A 179 -1.05 -0.29 16.35
CA LYS A 179 -1.55 1.09 16.27
C LYS A 179 -3.00 1.12 15.80
N LEU A 180 -3.36 0.23 14.88
CA LEU A 180 -4.71 0.24 14.36
C LEU A 180 -5.69 -0.18 15.45
N LEU A 181 -5.59 -1.42 15.87
CA LEU A 181 -6.51 -2.02 16.82
C LEU A 181 -5.84 -1.96 18.19
N LEU A 184 -8.37 -5.23 21.80
CA LEU A 184 -9.22 -6.26 21.18
C LEU A 184 -10.26 -6.71 22.19
N GLY A 185 -11.49 -7.06 21.75
CA GLY A 185 -12.58 -7.41 22.66
C GLY A 185 -13.53 -8.47 22.07
N ARG A 186 -14.63 -8.77 22.78
CA ARG A 186 -15.58 -9.78 22.34
C ARG A 186 -16.13 -9.53 20.95
N GLY A 187 -16.46 -10.62 20.25
CA GLY A 187 -17.02 -10.56 18.91
C GLY A 187 -16.03 -10.27 17.80
N ILE A 188 -14.84 -9.75 18.14
CA ILE A 188 -13.79 -9.47 17.17
C ILE A 188 -12.92 -10.71 17.03
N SER A 189 -13.09 -11.41 15.91
CA SER A 189 -12.34 -12.59 15.58
C SER A 189 -10.96 -12.21 15.05
N GLU A 190 -10.13 -13.22 14.81
CA GLU A 190 -8.88 -13.00 14.11
C GLU A 190 -9.13 -12.46 12.70
N LEU A 191 -10.19 -12.93 12.04
CA LEU A 191 -10.54 -12.40 10.74
C LEU A 191 -10.85 -10.91 10.84
N ASP A 192 -11.62 -10.52 11.85
CA ASP A 192 -11.97 -9.12 12.04
C ASP A 192 -10.74 -8.28 12.38
N ALA A 193 -9.84 -8.82 13.21
CA ALA A 193 -8.66 -8.08 13.64
C ALA A 193 -7.79 -7.70 12.46
N PHE A 194 -7.59 -8.61 11.53
CA PHE A 194 -6.79 -8.29 10.34
C PHE A 194 -7.58 -7.52 9.30
N GLY A 195 -8.91 -7.50 9.40
CA GLY A 195 -9.70 -6.65 8.52
C GLY A 195 -9.34 -5.18 8.61
N ALA A 196 -9.02 -4.70 9.81
CA ALA A 196 -8.60 -3.31 9.96
C ALA A 196 -7.33 -3.03 9.16
N ALA A 197 -6.33 -3.92 9.28
CA ALA A 197 -5.10 -3.76 8.51
C ALA A 197 -5.41 -3.83 7.02
N ASN A 198 -6.23 -4.79 6.63
CA ASN A 198 -6.60 -4.90 5.22
C ASN A 198 -7.19 -3.61 4.67
N ASP A 199 -8.03 -2.94 5.46
CA ASP A 199 -8.64 -1.70 5.00
C ASP A 199 -7.61 -0.60 4.81
N VAL A 200 -6.63 -0.51 5.71
CA VAL A 200 -5.60 0.52 5.58
C VAL A 200 -4.73 0.25 4.37
N LEU A 201 -4.32 -1.01 4.19
CA LEU A 201 -3.50 -1.36 3.05
C LEU A 201 -4.22 -1.04 1.77
N LYS A 202 -5.50 -1.41 1.69
CA LYS A 202 -6.31 -1.09 0.51
C LYS A 202 -6.39 0.41 0.32
N GLY A 203 -6.66 1.16 1.39
CA GLY A 203 -6.77 2.60 1.27
C GLY A 203 -5.51 3.24 0.70
N ALA A 204 -4.32 2.74 1.10
CA ALA A 204 -3.08 3.33 0.59
C ALA A 204 -2.88 2.98 -0.88
N VAL A 205 -3.06 1.71 -1.23
CA VAL A 205 -2.89 1.32 -2.63
C VAL A 205 -3.92 2.02 -3.50
N GLN A 206 -5.18 2.00 -3.09
CA GLN A 206 -6.23 2.64 -3.87
C GLN A 206 -5.99 4.14 -4.02
N GLY A 207 -5.58 4.78 -2.93
CA GLY A 207 -5.42 6.22 -2.95
C GLY A 207 -4.36 6.67 -3.92
N ILE A 208 -3.28 5.89 -4.05
CA ILE A 208 -2.23 6.25 -5.00
C ILE A 208 -2.61 5.83 -6.40
N ALA A 209 -3.03 4.57 -6.57
CA ALA A 209 -3.22 4.02 -7.92
C ALA A 209 -4.33 4.72 -8.67
N GLU A 210 -5.44 5.04 -7.99
CA GLU A 210 -6.61 5.52 -8.71
C GLU A 210 -6.46 6.93 -9.25
N LEU A 211 -5.48 7.70 -8.74
CA LEU A 211 -5.11 8.96 -9.38
C LEU A 211 -4.66 8.74 -10.82
N ILE A 212 -4.08 7.58 -11.09
CA ILE A 212 -3.60 7.24 -12.41
C ILE A 212 -4.66 6.51 -13.22
N THR A 213 -5.36 5.57 -12.58
CA THR A 213 -6.25 4.69 -13.34
C THR A 213 -7.63 5.27 -13.54
N ARG A 214 -8.11 6.17 -12.68
CA ARG A 214 -9.45 6.76 -12.88
C ARG A 214 -9.44 8.22 -12.46
N PRO A 215 -8.74 9.06 -13.22
CA PRO A 215 -8.65 10.49 -12.87
C PRO A 215 -9.98 11.21 -12.98
N GLY A 216 -10.15 12.21 -12.12
CA GLY A 216 -11.25 13.17 -12.26
C GLY A 216 -10.79 14.44 -12.95
N LEU A 217 -11.45 15.55 -12.63
CA LEU A 217 -11.31 16.75 -13.46
C LEU A 217 -9.87 17.28 -13.47
N MET A 218 -9.15 17.12 -12.36
CA MET A 218 -7.74 17.48 -12.32
C MET A 218 -6.97 16.17 -12.33
N ASN A 219 -6.48 15.79 -13.50
CA ASN A 219 -5.70 14.57 -13.59
C ASN A 219 -4.30 14.89 -13.11
N VAL A 220 -3.82 14.10 -12.16
CA VAL A 220 -2.40 14.15 -11.84
C VAL A 220 -1.62 13.58 -13.01
N ASP A 221 -0.39 14.07 -13.17
CA ASP A 221 0.51 13.53 -14.17
C ASP A 221 1.44 12.54 -13.49
N PHE A 222 1.62 11.36 -14.11
CA PHE A 222 2.35 10.28 -13.48
C PHE A 222 3.76 10.68 -13.08
N ALA A 223 4.37 11.60 -13.83
CA ALA A 223 5.68 12.11 -13.45
C ALA A 223 5.64 12.81 -12.11
N ASP A 224 4.50 13.41 -11.76
CA ASP A 224 4.37 14.00 -10.45
C ASP A 224 4.23 12.93 -9.37
N VAL A 225 3.53 11.83 -9.68
CA VAL A 225 3.52 10.71 -8.74
C VAL A 225 4.93 10.19 -8.55
N ARG A 226 5.63 9.94 -9.64
CA ARG A 226 7.01 9.49 -9.54
C ARG A 226 7.86 10.47 -8.75
N THR A 227 7.66 11.77 -8.97
CA THR A 227 8.50 12.76 -8.27
C THR A 227 8.30 12.68 -6.75
N VAL A 228 7.08 12.39 -6.29
CA VAL A 228 6.87 12.35 -4.84
C VAL A 228 7.01 10.97 -4.25
N MET A 229 7.20 9.93 -5.06
CA MET A 229 7.36 8.59 -4.52
C MET A 229 8.67 7.89 -4.83
N SER A 230 9.40 8.28 -5.88
CA SER A 230 10.60 7.56 -6.28
C SER A 230 11.74 7.83 -5.30
N GLU A 231 12.38 6.77 -4.81
CA GLU A 231 13.56 6.85 -3.95
C GLU A 231 13.34 7.85 -2.81
N MET A 232 12.18 7.76 -2.16
CA MET A 232 11.79 8.71 -1.11
C MET A 232 11.94 8.19 0.31
N GLY A 233 11.86 6.88 0.53
CA GLY A 233 12.02 6.31 1.85
C GLY A 233 10.70 6.10 2.56
N TYR A 234 10.64 6.46 3.82
CA TYR A 234 9.44 6.20 4.61
C TYR A 234 8.29 7.10 4.19
N ALA A 235 7.08 6.56 4.27
CA ALA A 235 5.85 7.27 3.96
C ALA A 235 4.78 6.86 4.95
N MET A 236 3.69 7.64 4.99
CA MET A 236 2.55 7.29 5.82
C MET A 236 1.30 7.88 5.20
N MET A 237 0.18 7.21 5.39
CA MET A 237 -1.10 7.60 4.80
C MET A 237 -2.11 7.95 5.87
N GLY A 238 -2.92 8.98 5.60
CA GLY A 238 -4.14 9.21 6.35
C GLY A 238 -5.25 9.53 5.39
N SER A 239 -6.49 9.30 5.82
CA SER A 239 -7.63 9.51 4.96
C SER A 239 -8.79 10.06 5.76
N GLY A 240 -9.70 10.73 5.05
CA GLY A 240 -10.92 11.26 5.65
C GLY A 240 -12.00 11.38 4.59
N VAL A 241 -13.23 11.45 5.06
CA VAL A 241 -14.39 11.51 4.19
C VAL A 241 -15.44 12.38 4.85
N ALA A 242 -16.12 13.19 4.05
CA ALA A 242 -17.16 14.09 4.54
C ALA A 242 -18.20 14.29 3.46
N SER A 243 -19.36 14.81 3.88
CA SER A 243 -20.42 15.21 2.99
C SER A 243 -20.99 16.52 3.52
N GLY A 244 -21.68 17.24 2.67
CA GLY A 244 -22.18 18.54 3.05
C GLY A 244 -21.47 19.67 2.31
N GLU A 245 -21.80 20.89 2.74
CA GLU A 245 -21.32 22.07 2.02
C GLU A 245 -19.81 22.20 2.11
N ASP A 246 -19.26 21.88 3.27
CA ASP A 246 -17.83 22.04 3.55
C ASP A 246 -17.07 20.73 3.40
N ARG A 247 -17.59 19.79 2.62
CA ARG A 247 -17.02 18.44 2.55
C ARG A 247 -15.54 18.48 2.21
N ALA A 248 -15.11 19.41 1.35
CA ALA A 248 -13.72 19.39 0.88
C ALA A 248 -12.75 19.71 2.00
N GLU A 249 -12.96 20.82 2.69
CA GLU A 249 -12.06 21.15 3.80
C GLU A 249 -12.16 20.13 4.92
N GLU A 250 -13.36 19.64 5.20
CA GLU A 250 -13.57 18.71 6.30
C GLU A 250 -12.86 17.37 6.04
N ALA A 251 -12.96 16.86 4.82
CA ALA A 251 -12.30 15.62 4.45
C ALA A 251 -10.80 15.78 4.57
N ALA A 252 -10.27 16.92 4.11
CA ALA A 252 -8.83 17.16 4.16
C ALA A 252 -8.35 17.26 5.60
N GLU A 253 -9.04 18.05 6.42
CA GLU A 253 -8.69 18.16 7.83
C GLU A 253 -8.76 16.80 8.53
N MET A 254 -9.76 15.98 8.18
CA MET A 254 -9.89 14.65 8.79
C MET A 254 -8.70 13.77 8.43
N ALA A 255 -8.25 13.84 7.17
CA ALA A 255 -7.11 13.05 6.73
C ALA A 255 -5.84 13.46 7.45
N ILE A 256 -5.59 14.76 7.58
CA ILE A 256 -4.40 15.25 8.29
C ILE A 256 -4.43 14.83 9.76
N SER A 257 -5.62 14.77 10.37
CA SER A 257 -5.77 14.40 11.77
C SER A 257 -6.02 12.91 11.98
N SER A 258 -5.85 12.11 10.94
CA SER A 258 -6.12 10.68 11.04
C SER A 258 -5.18 10.02 12.05
N PRO A 259 -5.61 8.93 12.70
CA PRO A 259 -4.76 8.30 13.73
C PRO A 259 -3.37 7.93 13.24
N LEU A 260 -3.21 7.61 11.96
CA LEU A 260 -1.89 7.22 11.44
C LEU A 260 -0.94 8.39 11.21
N LEU A 261 -1.45 9.61 11.04
CA LEU A 261 -0.59 10.77 10.81
C LEU A 261 -0.38 11.62 12.08
N GLU A 262 -0.84 11.16 13.24
CA GLU A 262 -0.88 12.01 14.44
C GLU A 262 0.52 12.36 14.91
N ASP A 263 1.48 11.47 14.71
CA ASP A 263 2.85 11.70 15.13
C ASP A 263 3.70 12.24 14.00
N ILE A 264 3.09 12.60 12.87
CA ILE A 264 3.83 13.05 11.70
C ILE A 264 3.43 14.48 11.39
N ASP A 265 4.39 15.40 11.46
CA ASP A 265 4.23 16.75 10.94
C ASP A 265 4.36 16.69 9.42
N LEU A 266 3.32 17.13 8.72
CA LEU A 266 3.39 17.12 7.26
C LEU A 266 4.52 17.99 6.74
N SER A 267 4.95 19.01 7.49
CA SER A 267 6.04 19.84 6.96
C SER A 267 7.42 19.22 7.14
N GLY A 268 7.51 18.03 7.73
CA GLY A 268 8.73 17.24 7.68
C GLY A 268 8.77 16.24 6.53
N ALA A 269 7.80 16.26 5.64
CA ALA A 269 7.71 15.35 4.51
C ALA A 269 8.28 16.00 3.26
N ARG A 270 9.26 15.37 2.63
CA ARG A 270 9.82 15.93 1.43
C ARG A 270 8.82 15.87 0.28
N GLY A 271 7.83 15.00 0.37
CA GLY A 271 6.77 14.97 -0.64
C GLY A 271 5.40 14.76 -0.01
N VAL A 272 4.37 15.24 -0.71
CA VAL A 272 3.01 14.99 -0.26
C VAL A 272 2.18 14.68 -1.50
N LEU A 273 1.52 13.52 -1.49
CA LEU A 273 0.62 13.11 -2.57
C LEU A 273 -0.78 13.07 -2.01
N VAL A 274 -1.73 13.69 -2.73
CA VAL A 274 -3.10 13.81 -2.22
C VAL A 274 -4.04 13.35 -3.31
N ASN A 275 -5.00 12.49 -2.93
CA ASN A 275 -6.08 12.03 -3.80
C ASN A 275 -7.40 12.54 -3.26
N ILE A 276 -8.13 13.32 -4.07
CA ILE A 276 -9.52 13.67 -3.77
C ILE A 276 -10.40 12.75 -4.61
N THR A 277 -11.18 11.90 -3.96
CA THR A 277 -12.09 11.01 -4.68
C THR A 277 -13.52 11.44 -4.40
N ALA A 278 -14.32 11.54 -5.46
CA ALA A 278 -15.72 11.92 -5.40
C ALA A 278 -16.35 11.58 -6.73
N GLY A 279 -17.63 11.91 -6.85
CA GLY A 279 -18.41 11.66 -8.05
C GLY A 279 -18.24 12.73 -9.11
N PHE A 280 -19.25 12.83 -9.99
CA PHE A 280 -19.18 13.70 -11.17
C PHE A 280 -19.18 15.19 -10.84
N ASP A 281 -19.62 15.56 -9.64
CA ASP A 281 -19.78 16.94 -9.22
C ASP A 281 -18.55 17.58 -8.61
N LEU A 282 -17.42 16.87 -8.54
CA LEU A 282 -16.26 17.44 -7.89
C LEU A 282 -15.90 18.78 -8.53
N ARG A 283 -15.93 19.82 -7.72
CA ARG A 283 -15.82 21.18 -8.21
C ARG A 283 -14.37 21.64 -8.16
N LEU A 284 -14.01 22.50 -9.11
CA LEU A 284 -12.68 23.09 -9.12
C LEU A 284 -12.41 23.84 -7.81
N ASP A 285 -13.44 24.47 -7.26
CA ASP A 285 -13.25 25.18 -5.99
C ASP A 285 -12.99 24.21 -4.84
N GLU A 286 -13.50 22.97 -4.94
CA GLU A 286 -13.16 21.97 -3.94
C GLU A 286 -11.72 21.50 -4.10
N PHE A 287 -11.27 21.32 -5.35
CA PHE A 287 -9.86 21.04 -5.60
C PHE A 287 -8.97 22.13 -5.03
N GLU A 288 -9.35 23.40 -5.23
CA GLU A 288 -8.57 24.50 -4.68
C GLU A 288 -8.57 24.49 -3.16
N THR A 289 -9.74 24.28 -2.55
CA THR A 289 -9.84 24.24 -1.09
C THR A 289 -8.93 23.16 -0.49
N VAL A 290 -9.02 21.94 -1.01
CA VAL A 290 -8.17 20.86 -0.49
C VAL A 290 -6.72 21.25 -0.61
N GLY A 291 -6.32 21.75 -1.78
CA GLY A 291 -4.93 22.15 -1.95
C GLY A 291 -4.49 23.23 -0.99
N ASN A 292 -5.37 24.22 -0.73
CA ASN A 292 -5.04 25.24 0.27
C ASN A 292 -4.82 24.62 1.64
N THR A 293 -5.69 23.67 2.02
CA THR A 293 -5.57 23.05 3.34
C THR A 293 -4.29 22.26 3.47
N ILE A 294 -3.97 21.45 2.46
CA ILE A 294 -2.77 20.61 2.53
C ILE A 294 -1.53 21.50 2.54
N ARG A 295 -1.51 22.53 1.69
CA ARG A 295 -0.36 23.42 1.64
C ARG A 295 -0.18 24.20 2.94
N ALA A 296 -1.27 24.50 3.66
CA ALA A 296 -1.15 25.11 4.97
C ALA A 296 -0.33 24.25 5.92
N PHE A 297 -0.36 22.92 5.75
CA PHE A 297 0.34 21.99 6.63
C PHE A 297 1.70 21.51 6.10
N ALA A 298 1.93 21.55 4.79
CA ALA A 298 3.15 21.08 4.14
C ALA A 298 4.25 22.17 4.12
N SER A 299 5.50 21.73 3.84
CA SER A 299 6.63 22.64 3.78
C SER A 299 6.75 23.27 2.40
N ASP A 300 7.23 24.51 2.36
CA ASP A 300 7.56 25.12 1.07
C ASP A 300 8.81 24.49 0.47
N ASN A 301 9.62 23.82 1.27
CA ASN A 301 10.81 23.12 0.82
C ASN A 301 10.49 21.63 0.66
N ALA A 302 9.58 21.38 -0.27
CA ALA A 302 9.10 20.03 -0.55
C ALA A 302 8.43 20.03 -1.91
N THR A 303 7.97 18.86 -2.34
CA THR A 303 7.23 18.72 -3.59
C THR A 303 5.82 18.25 -3.25
N VAL A 304 4.82 19.01 -3.67
CA VAL A 304 3.42 18.69 -3.37
C VAL A 304 2.71 18.35 -4.68
N VAL A 305 1.84 17.32 -4.62
CA VAL A 305 1.10 16.85 -5.79
C VAL A 305 -0.33 16.54 -5.37
N ILE A 306 -1.30 17.22 -5.97
CA ILE A 306 -2.71 17.00 -5.66
C ILE A 306 -3.42 16.55 -6.93
N GLY A 307 -4.09 15.40 -6.86
CA GLY A 307 -4.86 14.88 -7.96
C GLY A 307 -6.27 14.49 -7.52
N THR A 308 -7.06 14.07 -8.50
CA THR A 308 -8.42 13.65 -8.22
C THR A 308 -8.69 12.31 -8.87
N SER A 309 -9.67 11.62 -8.33
CA SER A 309 -10.19 10.42 -8.94
C SER A 309 -11.70 10.54 -9.05
N LEU A 310 -12.25 9.97 -10.10
CA LEU A 310 -13.68 9.95 -10.31
C LEU A 310 -14.22 8.59 -9.87
N ASP A 311 -15.13 8.60 -8.93
CA ASP A 311 -15.87 7.40 -8.54
C ASP A 311 -17.34 7.66 -8.83
N PRO A 312 -17.86 7.16 -9.95
CA PRO A 312 -19.24 7.48 -10.34
C PRO A 312 -20.29 7.09 -9.32
N ASP A 313 -19.99 6.16 -8.41
CA ASP A 313 -20.98 5.65 -7.47
C ASP A 313 -21.06 6.47 -6.20
N MET A 314 -20.18 7.45 -6.03
CA MET A 314 -20.19 8.29 -4.86
C MET A 314 -21.12 9.45 -5.11
N ASN A 315 -22.07 9.65 -4.20
CA ASN A 315 -22.97 10.79 -4.22
C ASN A 315 -22.87 11.49 -2.88
N ASP A 316 -22.65 12.79 -2.92
CA ASP A 316 -22.53 13.64 -1.73
C ASP A 316 -21.13 13.54 -1.12
N GLU A 317 -20.62 12.32 -0.96
CA GLU A 317 -19.39 12.10 -0.22
C GLU A 317 -18.18 12.51 -1.03
N LEU A 318 -17.15 12.98 -0.32
CA LEU A 318 -15.86 13.30 -0.90
C LEU A 318 -14.81 12.75 0.07
N ARG A 319 -13.84 12.01 -0.46
CA ARG A 319 -12.74 11.43 0.31
C ARG A 319 -11.44 12.12 -0.03
N VAL A 320 -10.58 12.33 0.98
CA VAL A 320 -9.24 12.85 0.77
C VAL A 320 -8.26 11.85 1.37
N THR A 321 -7.33 11.38 0.57
CA THR A 321 -6.28 10.51 1.05
C THR A 321 -4.98 11.26 0.90
N VAL A 322 -4.20 11.33 1.98
CA VAL A 322 -2.94 12.05 2.04
C VAL A 322 -1.83 11.04 2.26
N VAL A 323 -0.82 11.02 1.40
CA VAL A 323 0.37 10.20 1.59
C VAL A 323 1.53 11.16 1.77
N ALA A 324 2.10 11.18 2.97
CA ALA A 324 3.31 11.93 3.26
C ALA A 324 4.49 11.03 2.92
N THR A 325 5.39 11.52 2.07
CA THR A 325 6.54 10.73 1.66
C THR A 325 7.84 11.44 2.03
N GLY A 326 8.91 10.66 2.03
CA GLY A 326 10.18 11.20 2.48
C GLY A 326 10.11 11.77 3.88
N ILE A 327 9.48 11.07 4.80
CA ILE A 327 9.48 11.46 6.21
C ILE A 327 10.66 10.79 6.90
N GLY A 328 11.08 11.36 8.01
CA GLY A 328 12.20 10.77 8.74
C GLY A 328 12.55 11.48 10.00
PG GTP B . 4.65 -18.27 6.69
O1G GTP B . 5.51 -18.34 7.93
O2G GTP B . 3.23 -18.67 7.06
O3G GTP B . 5.20 -19.22 5.64
O3B GTP B . 4.80 -16.75 6.11
PB GTP B . 3.61 -15.71 5.78
O1B GTP B . 2.78 -16.47 4.78
O2B GTP B . 4.41 -14.56 5.29
O3A GTP B . 3.09 -15.58 7.30
PA GTP B . 1.68 -14.93 7.53
O1A GTP B . 0.57 -15.93 7.62
O2A GTP B . 1.57 -14.04 6.31
O5' GTP B . 1.75 -13.94 8.77
C5' GTP B . 2.68 -12.91 8.72
C4' GTP B . 2.07 -11.84 9.61
O4' GTP B . 0.98 -11.23 8.96
C3' GTP B . 1.50 -12.36 10.90
O3' GTP B . 2.52 -12.37 11.89
C2' GTP B . 0.37 -11.40 11.21
O2' GTP B . 0.80 -10.21 11.84
C1' GTP B . -0.11 -10.99 9.83
N9 GTP B . -1.23 -11.81 9.35
C8 GTP B . -1.47 -13.16 9.56
N7 GTP B . -2.61 -13.51 8.90
C5 GTP B . -3.09 -12.42 8.26
C6 GTP B . -4.20 -12.20 7.44
O6 GTP B . -5.01 -13.10 7.18
N1 GTP B . -4.40 -10.92 6.99
C2 GTP B . -3.52 -9.89 7.26
N2 GTP B . -3.74 -8.69 6.79
N3 GTP B . -2.42 -10.11 8.06
C4 GTP B . -2.24 -11.36 8.52
#